data_3N35
#
_entry.id   3N35
#
_cell.length_a   102.514
_cell.length_b   102.514
_cell.length_c   57.023
_cell.angle_alpha   90.00
_cell.angle_beta   90.00
_cell.angle_gamma   120.00
#
_symmetry.space_group_name_H-M   'P 31 2 1'
#
loop_
_entity.id
_entity.type
_entity.pdbx_description
1 polymer Lectin
2 non-polymer 'MANGANESE (II) ION'
3 non-polymer 'CALCIUM ION'
4 non-polymer 2-acetamido-2-deoxy-alpha-D-galactopyranose
5 water water
#
_entity_poly.entity_id   1
_entity_poly.type   'polypeptide(L)'
_entity_poly.pdbx_seq_one_letter_code
;VETISFSFSEFEPGNDNLTLQGASLITQSGVLQLTKINQNGMPAWDSTGRTLYAKPVHIWDMTTGTVASFETRFSFSIEQ
PYTRPLPADGLVFFMGPTKSKPAQGGGYLGIFNNSKQDNSYQTLGVEFDTFSNQWDPPQVPHIGIDVNSIRSIKTQPFQL
DNGQVANVVIKYDASSKILHAVLVYPSSGAIYTIAEIVDVKQVLPEWVDVGLSGATGAQRDAAETHDVYSWSFQASLPET
ND
;
_entity_poly.pdbx_strand_id   A
#
# COMPACT_ATOMS: atom_id res chain seq x y z
N VAL A 1 -20.51 -17.56 -4.87
CA VAL A 1 -19.53 -16.49 -4.52
C VAL A 1 -18.11 -16.93 -4.80
N GLU A 2 -17.38 -16.14 -5.58
CA GLU A 2 -15.99 -16.43 -5.91
C GLU A 2 -15.15 -15.71 -4.86
N THR A 3 -14.44 -16.48 -4.03
CA THR A 3 -13.64 -15.89 -2.97
C THR A 3 -12.16 -16.24 -3.05
N ILE A 4 -11.34 -15.33 -2.54
CA ILE A 4 -9.90 -15.51 -2.48
C ILE A 4 -9.49 -14.93 -1.15
N SER A 5 -8.57 -15.61 -0.48
CA SER A 5 -8.10 -15.12 0.80
C SER A 5 -6.73 -15.68 1.07
N PHE A 6 -5.91 -14.91 1.76
CA PHE A 6 -4.58 -15.35 2.12
C PHE A 6 -4.22 -14.65 3.43
N SER A 7 -3.34 -15.28 4.18
CA SER A 7 -2.95 -14.73 5.46
C SER A 7 -1.53 -15.14 5.78
N PHE A 8 -0.68 -14.14 5.98
CA PHE A 8 0.72 -14.36 6.33
C PHE A 8 0.91 -13.75 7.71
N SER A 9 1.09 -14.60 8.72
CA SER A 9 1.29 -14.12 10.08
C SER A 9 2.77 -13.81 10.24
N GLU A 10 3.55 -14.31 9.28
CA GLU A 10 4.98 -14.14 9.24
C GLU A 10 5.32 -14.38 7.77
N PHE A 11 6.48 -13.91 7.33
CA PHE A 11 6.88 -14.12 5.94
C PHE A 11 8.01 -15.13 5.88
N GLU A 12 7.95 -16.00 4.87
CA GLU A 12 8.95 -17.04 4.70
C GLU A 12 9.71 -16.86 3.39
N PRO A 13 11.05 -16.86 3.45
CA PRO A 13 11.79 -16.69 2.20
C PRO A 13 11.48 -17.88 1.30
N GLY A 14 11.31 -17.64 0.00
CA GLY A 14 11.02 -18.73 -0.91
C GLY A 14 9.54 -19.00 -1.14
N ASN A 15 8.67 -18.39 -0.36
CA ASN A 15 7.23 -18.59 -0.51
C ASN A 15 6.82 -18.18 -1.92
N ASP A 16 6.33 -19.13 -2.71
CA ASP A 16 5.92 -18.85 -4.09
C ASP A 16 4.57 -18.16 -4.26
N ASN A 17 3.92 -17.79 -3.16
CA ASN A 17 2.64 -17.10 -3.24
C ASN A 17 2.84 -15.59 -3.35
N LEU A 18 4.09 -15.17 -3.17
CA LEU A 18 4.43 -13.75 -3.22
C LEU A 18 5.46 -13.44 -4.31
N THR A 19 5.24 -12.34 -5.02
CA THR A 19 6.14 -11.89 -6.07
C THR A 19 6.87 -10.65 -5.58
N LEU A 20 8.17 -10.76 -5.38
CA LEU A 20 8.97 -9.63 -4.91
C LEU A 20 9.56 -8.86 -6.08
N GLN A 21 9.48 -7.54 -6.04
CA GLN A 21 10.02 -6.72 -7.11
C GLN A 21 10.92 -5.63 -6.55
N GLY A 22 11.92 -5.23 -7.33
CA GLY A 22 12.81 -4.18 -6.89
C GLY A 22 13.66 -4.59 -5.69
N ALA A 23 13.72 -3.71 -4.69
CA ALA A 23 14.52 -3.96 -3.50
C ALA A 23 13.91 -4.84 -2.41
N SER A 24 12.61 -5.17 -2.51
CA SER A 24 11.97 -5.98 -1.47
C SER A 24 12.66 -7.30 -1.18
N LEU A 25 12.75 -7.62 0.10
CA LEU A 25 13.41 -8.83 0.56
C LEU A 25 12.76 -9.35 1.84
N ILE A 26 12.67 -10.67 1.98
CA ILE A 26 12.11 -11.29 3.17
C ILE A 26 13.32 -11.75 3.97
N THR A 27 13.43 -11.29 5.21
CA THR A 27 14.56 -11.66 6.04
C THR A 27 14.38 -13.04 6.65
N GLN A 28 15.46 -13.56 7.23
CA GLN A 28 15.42 -14.87 7.86
C GLN A 28 14.59 -14.82 9.14
N SER A 29 14.39 -13.61 9.64
CA SER A 29 13.59 -13.41 10.85
C SER A 29 12.10 -13.27 10.51
N GLY A 30 11.77 -13.47 9.23
CA GLY A 30 10.39 -13.39 8.78
C GLY A 30 9.81 -12.01 8.53
N VAL A 31 10.65 -11.02 8.32
CA VAL A 31 10.17 -9.66 8.07
C VAL A 31 10.31 -9.28 6.60
N LEU A 32 9.27 -8.64 6.06
CA LEU A 32 9.30 -8.19 4.69
C LEU A 32 9.84 -6.76 4.65
N GLN A 33 11.05 -6.61 4.15
CA GLN A 33 11.66 -5.28 4.04
C GLN A 33 11.41 -4.77 2.63
N LEU A 34 10.46 -3.85 2.50
CA LEU A 34 10.12 -3.30 1.19
C LEU A 34 11.25 -2.50 0.54
N THR A 35 11.99 -1.74 1.35
CA THR A 35 13.09 -0.95 0.83
C THR A 35 14.39 -1.42 1.47
N LYS A 36 15.49 -1.27 0.72
CA LYS A 36 16.79 -1.73 1.17
C LYS A 36 17.41 -1.07 2.39
N ILE A 37 18.09 -1.89 3.17
CA ILE A 37 18.81 -1.46 4.38
C ILE A 37 20.24 -1.89 4.11
N ASN A 38 21.18 -0.94 4.18
CA ASN A 38 22.58 -1.23 3.92
C ASN A 38 23.24 -2.05 5.02
N GLN A 39 24.35 -2.69 4.68
CA GLN A 39 25.08 -3.53 5.63
C GLN A 39 25.38 -2.80 6.94
N ASN A 40 25.47 -1.47 6.90
CA ASN A 40 25.75 -0.75 8.13
C ASN A 40 24.53 -0.65 9.04
N GLY A 41 23.41 -1.19 8.56
CA GLY A 41 22.19 -1.18 9.36
C GLY A 41 21.26 0.00 9.16
N MET A 42 21.65 0.94 8.31
CA MET A 42 20.82 2.12 8.06
C MET A 42 20.08 2.00 6.73
N PRO A 43 18.88 2.60 6.65
CA PRO A 43 18.11 2.53 5.41
C PRO A 43 18.78 3.21 4.22
N ALA A 44 18.66 2.59 3.05
CA ALA A 44 19.24 3.10 1.82
C ALA A 44 18.28 4.06 1.13
N TRP A 45 18.83 5.12 0.55
CA TRP A 45 18.01 6.08 -0.17
C TRP A 45 17.92 5.59 -1.62
N ASP A 46 17.00 6.19 -2.37
CA ASP A 46 16.81 5.83 -3.78
C ASP A 46 16.47 4.35 -3.95
N SER A 47 15.68 3.83 -3.02
CA SER A 47 15.27 2.43 -3.04
C SER A 47 13.76 2.28 -3.25
N THR A 48 13.38 1.35 -4.12
CA THR A 48 11.97 1.09 -4.39
C THR A 48 11.77 -0.42 -4.37
N GLY A 49 10.73 -0.87 -3.69
CA GLY A 49 10.47 -2.29 -3.63
C GLY A 49 8.98 -2.55 -3.51
N ARG A 50 8.54 -3.66 -4.09
CA ARG A 50 7.13 -4.01 -4.03
C ARG A 50 6.96 -5.52 -3.83
N THR A 51 5.81 -5.90 -3.30
CA THR A 51 5.48 -7.30 -3.09
C THR A 51 4.04 -7.47 -3.54
N LEU A 52 3.81 -8.38 -4.47
CA LEU A 52 2.48 -8.66 -5.01
C LEU A 52 2.05 -10.08 -4.67
N TYR A 53 0.76 -10.28 -4.49
CA TYR A 53 0.26 -11.63 -4.25
C TYR A 53 0.40 -12.25 -5.64
N ALA A 54 0.94 -13.46 -5.70
CA ALA A 54 1.17 -14.13 -6.99
C ALA A 54 -0.03 -14.45 -7.87
N LYS A 55 -1.25 -14.32 -7.34
CA LYS A 55 -2.42 -14.61 -8.16
C LYS A 55 -3.29 -13.37 -8.32
N PRO A 56 -3.87 -13.18 -9.52
CA PRO A 56 -4.72 -12.00 -9.70
C PRO A 56 -6.04 -12.19 -8.92
N VAL A 57 -6.70 -11.09 -8.61
CA VAL A 57 -7.94 -11.13 -7.85
C VAL A 57 -9.10 -10.65 -8.72
N HIS A 58 -10.20 -11.41 -8.70
CA HIS A 58 -11.38 -11.04 -9.47
C HIS A 58 -12.15 -10.04 -8.63
N ILE A 59 -12.11 -8.77 -9.03
CA ILE A 59 -12.77 -7.72 -8.25
C ILE A 59 -14.16 -7.30 -8.75
N TRP A 60 -14.42 -7.43 -10.04
CA TRP A 60 -15.76 -7.15 -10.57
C TRP A 60 -15.99 -7.92 -11.86
N ASP A 61 -17.25 -8.24 -12.12
CA ASP A 61 -17.65 -9.04 -13.28
C ASP A 61 -18.61 -8.25 -14.17
N MET A 62 -18.22 -8.00 -15.41
CA MET A 62 -19.06 -7.24 -16.33
C MET A 62 -20.33 -7.98 -16.76
N THR A 63 -20.24 -9.30 -16.90
CA THR A 63 -21.39 -10.11 -17.32
C THR A 63 -22.55 -10.02 -16.35
N THR A 64 -22.28 -10.29 -15.07
CA THR A 64 -23.31 -10.25 -14.04
C THR A 64 -23.44 -8.87 -13.43
N GLY A 65 -22.41 -8.04 -13.61
CA GLY A 65 -22.44 -6.69 -13.07
C GLY A 65 -22.15 -6.62 -11.58
N THR A 66 -21.63 -7.69 -10.99
CA THR A 66 -21.32 -7.71 -9.57
C THR A 66 -19.94 -7.14 -9.25
N VAL A 67 -19.78 -6.67 -8.02
CA VAL A 67 -18.53 -6.10 -7.55
C VAL A 67 -18.18 -6.75 -6.21
N ALA A 68 -16.90 -7.04 -6.02
CA ALA A 68 -16.47 -7.68 -4.79
C ALA A 68 -16.29 -6.72 -3.63
N SER A 69 -16.48 -7.24 -2.43
CA SER A 69 -16.24 -6.50 -1.20
C SER A 69 -14.92 -7.11 -0.78
N PHE A 70 -14.05 -6.35 -0.14
CA PHE A 70 -12.78 -6.92 0.26
C PHE A 70 -12.27 -6.27 1.51
N GLU A 71 -11.29 -6.92 2.14
CA GLU A 71 -10.71 -6.41 3.36
C GLU A 71 -9.27 -6.88 3.46
N THR A 72 -8.39 -5.98 3.88
CA THR A 72 -7.00 -6.34 4.03
C THR A 72 -6.51 -5.76 5.35
N ARG A 73 -5.63 -6.50 6.01
CA ARG A 73 -5.07 -6.07 7.27
C ARG A 73 -3.58 -6.34 7.23
N PHE A 74 -2.79 -5.42 7.75
CA PHE A 74 -1.36 -5.62 7.79
C PHE A 74 -0.72 -4.80 8.90
N SER A 75 0.45 -5.25 9.33
CA SER A 75 1.21 -4.58 10.37
C SER A 75 2.53 -4.13 9.78
N PHE A 76 2.90 -2.88 10.04
CA PHE A 76 4.14 -2.36 9.53
C PHE A 76 4.80 -1.43 10.53
N SER A 77 6.02 -1.04 10.22
CA SER A 77 6.74 -0.09 11.04
C SER A 77 7.64 0.72 10.12
N ILE A 78 7.70 2.01 10.39
CA ILE A 78 8.55 2.91 9.64
C ILE A 78 9.46 3.52 10.70
N GLU A 79 10.76 3.37 10.54
CA GLU A 79 11.68 3.97 11.49
C GLU A 79 12.48 5.03 10.76
N GLN A 80 12.44 6.25 11.27
CA GLN A 80 13.17 7.36 10.69
C GLN A 80 14.32 7.63 11.65
N PRO A 81 15.51 7.09 11.35
CA PRO A 81 16.68 7.29 12.22
C PRO A 81 17.23 8.71 12.30
N TYR A 82 16.93 9.56 11.32
CA TYR A 82 17.42 10.94 11.33
C TYR A 82 16.27 11.92 11.13
N THR A 83 16.39 13.13 11.69
CA THR A 83 15.36 14.13 11.49
C THR A 83 15.76 15.00 10.29
N ARG A 84 17.04 14.96 9.96
CA ARG A 84 17.60 15.69 8.83
C ARG A 84 18.70 14.87 8.18
N PRO A 85 18.73 14.82 6.84
CA PRO A 85 17.75 15.47 5.96
C PRO A 85 16.35 14.85 6.13
N LEU A 86 15.33 15.52 5.61
CA LEU A 86 13.95 15.03 5.72
C LEU A 86 13.79 13.61 5.20
N PRO A 87 13.14 12.74 6.00
CA PRO A 87 12.92 11.35 5.57
C PRO A 87 11.88 11.25 4.46
N ALA A 88 11.91 10.15 3.70
CA ALA A 88 10.98 9.93 2.59
C ALA A 88 11.05 8.44 2.25
N ASP A 89 10.07 7.91 1.50
CA ASP A 89 8.92 8.63 0.95
C ASP A 89 7.59 8.04 1.46
N GLY A 90 7.62 6.77 1.85
CA GLY A 90 6.42 6.12 2.38
C GLY A 90 6.11 4.77 1.76
N LEU A 91 4.98 4.20 2.17
CA LEU A 91 4.54 2.91 1.64
C LEU A 91 3.06 2.98 1.25
N VAL A 92 2.62 2.04 0.43
CA VAL A 92 1.24 2.07 -0.02
C VAL A 92 0.68 0.70 -0.36
N PHE A 93 -0.59 0.50 -0.03
CA PHE A 93 -1.28 -0.73 -0.37
C PHE A 93 -1.95 -0.37 -1.69
N PHE A 94 -1.81 -1.22 -2.72
CA PHE A 94 -2.43 -0.88 -3.98
C PHE A 94 -3.05 -2.03 -4.74
N MET A 95 -3.90 -1.67 -5.69
CA MET A 95 -4.58 -2.61 -6.55
C MET A 95 -4.51 -1.98 -7.94
N GLY A 96 -4.08 -2.75 -8.92
CA GLY A 96 -3.99 -2.22 -10.27
C GLY A 96 -3.99 -3.32 -11.31
N PRO A 97 -3.66 -3.00 -12.58
CA PRO A 97 -3.63 -3.97 -13.67
C PRO A 97 -2.75 -5.17 -13.34
N THR A 98 -3.10 -6.33 -13.88
CA THR A 98 -2.30 -7.53 -13.63
C THR A 98 -1.00 -7.43 -14.42
N LYS A 99 0.01 -8.20 -14.01
CA LYS A 99 1.31 -8.19 -14.67
C LYS A 99 1.98 -6.82 -14.57
N SER A 100 1.72 -6.08 -13.50
CA SER A 100 2.33 -4.77 -13.38
C SER A 100 3.74 -4.84 -12.83
N LYS A 101 4.56 -3.91 -13.30
CA LYS A 101 5.96 -3.81 -12.87
C LYS A 101 6.09 -2.47 -12.15
N PRO A 102 7.15 -2.29 -11.35
CA PRO A 102 7.34 -1.03 -10.63
C PRO A 102 7.30 0.20 -11.53
N ALA A 103 6.66 1.26 -11.04
CA ALA A 103 6.59 2.52 -11.78
C ALA A 103 7.71 3.36 -11.19
N GLN A 104 7.56 4.68 -11.18
CA GLN A 104 8.60 5.54 -10.63
C GLN A 104 8.66 5.48 -9.11
N GLY A 105 9.87 5.63 -8.57
CA GLY A 105 10.07 5.60 -7.14
C GLY A 105 9.90 6.98 -6.52
N GLY A 106 10.55 7.21 -5.40
CA GLY A 106 10.46 8.50 -4.74
C GLY A 106 9.03 8.81 -4.32
N GLY A 107 8.61 10.05 -4.54
CA GLY A 107 7.26 10.47 -4.17
C GLY A 107 6.12 9.76 -4.89
N TYR A 108 6.44 9.00 -5.93
CA TYR A 108 5.41 8.28 -6.70
C TYR A 108 5.16 6.90 -6.11
N LEU A 109 5.90 6.59 -5.05
CA LEU A 109 5.79 5.35 -4.29
C LEU A 109 5.84 4.03 -5.05
N GLY A 110 6.41 4.07 -6.25
CA GLY A 110 6.54 2.86 -7.04
C GLY A 110 5.29 2.43 -7.79
N ILE A 111 4.26 3.25 -7.79
CA ILE A 111 3.03 2.88 -8.48
C ILE A 111 2.51 3.87 -9.51
N PHE A 112 3.06 5.08 -9.54
CA PHE A 112 2.64 6.08 -10.53
C PHE A 112 3.88 6.58 -11.27
N ASN A 113 3.69 7.27 -12.39
CA ASN A 113 4.83 7.76 -13.16
C ASN A 113 4.96 9.28 -13.14
N ASN A 114 3.88 9.96 -12.78
CA ASN A 114 3.86 11.41 -12.72
C ASN A 114 2.78 11.81 -11.73
N SER A 115 2.52 13.11 -11.61
CA SER A 115 1.50 13.59 -10.68
C SER A 115 0.18 13.92 -11.35
N LYS A 116 0.01 13.47 -12.60
CA LYS A 116 -1.22 13.72 -13.32
C LYS A 116 -2.34 12.76 -12.93
N GLN A 117 -3.58 13.21 -13.12
CA GLN A 117 -4.78 12.42 -12.86
C GLN A 117 -5.00 11.75 -14.21
N ASP A 118 -4.84 10.43 -14.27
CA ASP A 118 -4.98 9.72 -15.54
C ASP A 118 -5.74 8.40 -15.40
N ASN A 119 -6.91 8.33 -16.04
CA ASN A 119 -7.76 7.13 -16.00
C ASN A 119 -7.01 5.86 -16.36
N SER A 120 -6.06 5.97 -17.29
CA SER A 120 -5.30 4.81 -17.74
C SER A 120 -4.48 4.09 -16.67
N TYR A 121 -4.20 4.76 -15.55
CA TYR A 121 -3.45 4.11 -14.48
C TYR A 121 -4.26 2.92 -13.95
N GLN A 122 -5.58 3.08 -13.88
CA GLN A 122 -6.49 2.04 -13.38
C GLN A 122 -5.93 1.50 -12.06
N THR A 123 -5.54 2.41 -11.18
CA THR A 123 -4.94 2.04 -9.91
C THR A 123 -5.60 2.70 -8.71
N LEU A 124 -5.75 1.92 -7.65
CA LEU A 124 -6.33 2.40 -6.39
C LEU A 124 -5.28 2.14 -5.33
N GLY A 125 -5.06 3.12 -4.46
CA GLY A 125 -4.07 2.93 -3.42
C GLY A 125 -4.38 3.66 -2.13
N VAL A 126 -3.91 3.09 -1.03
CA VAL A 126 -4.06 3.70 0.29
C VAL A 126 -2.63 3.90 0.75
N GLU A 127 -2.13 4.98 0.86
CA GLU A 127 -0.76 5.34 1.21
C GLU A 127 -0.54 5.81 2.63
N PHE A 128 0.62 5.77 2.99
CA PHE A 128 1.11 6.19 4.30
C PHE A 128 2.35 6.96 3.85
N ASP A 129 2.09 8.30 3.62
CA ASP A 129 3.04 9.25 3.08
C ASP A 129 3.88 10.02 4.10
N THR A 130 5.20 9.88 3.96
CA THR A 130 6.08 10.55 4.91
C THR A 130 6.79 11.83 4.46
N PHE A 131 6.70 12.18 3.18
CA PHE A 131 7.37 13.37 2.67
C PHE A 131 6.39 14.25 1.93
N SER A 132 6.38 15.55 2.19
CA SER A 132 5.44 16.43 1.51
C SER A 132 5.90 16.93 0.14
N ASN A 133 5.40 16.31 -0.92
CA ASN A 133 5.74 16.73 -2.28
C ASN A 133 4.88 17.94 -2.66
N GLN A 134 5.11 18.49 -3.84
CA GLN A 134 4.34 19.66 -4.25
C GLN A 134 2.83 19.41 -4.38
N TRP A 135 2.44 18.16 -4.58
CA TRP A 135 1.04 17.81 -4.73
C TRP A 135 0.43 17.36 -3.40
N ASP A 136 1.24 17.35 -2.35
CA ASP A 136 0.79 16.92 -1.04
C ASP A 136 0.33 18.01 -0.11
N PRO A 137 -0.40 17.63 0.94
CA PRO A 137 -0.83 18.63 1.90
C PRO A 137 0.46 18.85 2.69
N PRO A 138 0.59 19.98 3.40
CA PRO A 138 1.81 20.25 4.16
C PRO A 138 2.11 19.28 5.30
N GLN A 139 1.08 18.67 5.88
CA GLN A 139 1.25 17.76 7.00
C GLN A 139 1.68 16.36 6.62
N VAL A 140 2.74 15.89 7.26
CA VAL A 140 3.25 14.54 7.06
C VAL A 140 3.68 14.02 8.41
N PRO A 141 3.52 12.72 8.65
CA PRO A 141 2.94 11.82 7.64
C PRO A 141 1.42 11.94 7.52
N HIS A 142 0.87 11.36 6.46
CA HIS A 142 -0.56 11.37 6.27
C HIS A 142 -1.01 10.13 5.53
N ILE A 143 -2.25 9.73 5.78
CA ILE A 143 -2.84 8.59 5.10
C ILE A 143 -3.54 9.24 3.92
N GLY A 144 -3.54 8.57 2.79
CA GLY A 144 -4.21 9.16 1.64
C GLY A 144 -4.89 8.09 0.81
N ILE A 145 -5.99 8.46 0.16
CA ILE A 145 -6.69 7.53 -0.72
C ILE A 145 -6.38 8.02 -2.13
N ASP A 146 -5.66 7.20 -2.89
CA ASP A 146 -5.26 7.58 -4.24
C ASP A 146 -6.04 6.84 -5.29
N VAL A 147 -6.71 7.60 -6.15
CA VAL A 147 -7.51 7.01 -7.22
C VAL A 147 -6.99 7.56 -8.55
N ASN A 148 -6.22 6.72 -9.26
CA ASN A 148 -5.65 7.09 -10.55
C ASN A 148 -4.76 8.34 -10.48
N SER A 149 -4.17 8.59 -9.32
CA SER A 149 -3.30 9.74 -9.16
C SER A 149 -2.60 9.72 -7.81
N ILE A 150 -1.40 10.28 -7.77
CA ILE A 150 -0.62 10.35 -6.53
C ILE A 150 -1.21 11.48 -5.69
N ARG A 151 -1.99 12.35 -6.32
CA ARG A 151 -2.64 13.46 -5.64
C ARG A 151 -3.93 12.85 -5.07
N SER A 152 -3.93 12.59 -3.77
CA SER A 152 -5.06 11.97 -3.07
C SER A 152 -6.38 12.72 -3.16
N ILE A 153 -7.47 11.97 -3.17
CA ILE A 153 -8.79 12.57 -3.19
C ILE A 153 -9.14 12.95 -1.75
N LYS A 154 -8.45 12.31 -0.79
CA LYS A 154 -8.66 12.59 0.62
C LYS A 154 -7.46 12.17 1.46
N THR A 155 -7.10 12.98 2.44
CA THR A 155 -5.97 12.69 3.31
C THR A 155 -6.32 12.88 4.78
N GLN A 156 -5.55 12.22 5.63
CA GLN A 156 -5.73 12.30 7.06
C GLN A 156 -4.35 12.27 7.71
N PRO A 157 -3.94 13.39 8.32
CA PRO A 157 -2.63 13.43 8.96
C PRO A 157 -2.58 12.51 10.18
N PHE A 158 -1.42 11.94 10.45
CA PHE A 158 -1.25 11.10 11.63
C PHE A 158 0.15 11.31 12.17
N GLN A 159 0.33 11.02 13.45
CA GLN A 159 1.62 11.19 14.09
C GLN A 159 2.35 9.85 14.05
N LEU A 160 3.58 9.87 13.57
CA LEU A 160 4.36 8.64 13.50
C LEU A 160 4.88 8.28 14.88
N ASP A 161 4.75 7.02 15.26
CA ASP A 161 5.29 6.54 16.53
C ASP A 161 6.55 5.89 15.95
N ASN A 162 7.64 6.63 15.97
CA ASN A 162 8.89 6.18 15.37
C ASN A 162 9.34 4.75 15.69
N GLY A 163 9.42 3.94 14.64
CA GLY A 163 9.88 2.57 14.79
C GLY A 163 8.91 1.60 15.43
N GLN A 164 7.75 2.08 15.87
CA GLN A 164 6.77 1.20 16.50
C GLN A 164 5.87 0.56 15.45
N VAL A 165 5.24 -0.55 15.83
CA VAL A 165 4.36 -1.28 14.92
C VAL A 165 2.98 -0.69 14.84
N ALA A 166 2.49 -0.50 13.61
CA ALA A 166 1.16 0.03 13.38
C ALA A 166 0.30 -1.05 12.76
N ASN A 167 -0.97 -1.09 13.14
CA ASN A 167 -1.90 -2.08 12.60
C ASN A 167 -2.85 -1.35 11.67
N VAL A 168 -3.04 -1.89 10.48
CA VAL A 168 -3.92 -1.28 9.49
C VAL A 168 -5.02 -2.22 9.05
N VAL A 169 -6.22 -1.66 8.86
CA VAL A 169 -7.37 -2.40 8.38
C VAL A 169 -7.98 -1.54 7.28
N ILE A 170 -8.17 -2.13 6.11
CA ILE A 170 -8.78 -1.42 5.00
C ILE A 170 -9.92 -2.31 4.55
N LYS A 171 -11.11 -1.74 4.48
CA LYS A 171 -12.28 -2.50 4.09
C LYS A 171 -13.08 -1.77 3.01
N TYR A 172 -13.56 -2.52 2.03
CA TYR A 172 -14.36 -1.95 0.97
C TYR A 172 -15.72 -2.66 0.93
N ASP A 173 -16.79 -1.88 1.04
CA ASP A 173 -18.15 -2.43 0.98
C ASP A 173 -18.74 -2.08 -0.39
N ALA A 174 -18.88 -3.08 -1.25
CA ALA A 174 -19.40 -2.86 -2.59
C ALA A 174 -20.80 -2.27 -2.66
N SER A 175 -21.65 -2.60 -1.70
CA SER A 175 -23.02 -2.09 -1.73
C SER A 175 -23.09 -0.57 -1.53
N SER A 176 -22.24 -0.04 -0.65
CA SER A 176 -22.23 1.38 -0.38
C SER A 176 -21.11 2.11 -1.11
N LYS A 177 -20.16 1.34 -1.65
CA LYS A 177 -19.01 1.89 -2.37
C LYS A 177 -18.07 2.67 -1.45
N ILE A 178 -18.11 2.35 -0.16
CA ILE A 178 -17.26 3.03 0.81
C ILE A 178 -15.97 2.26 1.05
N LEU A 179 -14.85 2.95 0.91
CA LEU A 179 -13.55 2.35 1.20
C LEU A 179 -13.20 2.96 2.55
N HIS A 180 -13.15 2.16 3.60
CA HIS A 180 -12.79 2.73 4.89
C HIS A 180 -11.54 2.10 5.46
N ALA A 181 -10.63 2.96 5.91
CA ALA A 181 -9.36 2.51 6.46
C ALA A 181 -9.12 3.03 7.87
N VAL A 182 -8.40 2.21 8.64
CA VAL A 182 -8.08 2.54 10.02
C VAL A 182 -6.62 2.22 10.32
N LEU A 183 -5.97 3.09 11.09
CA LEU A 183 -4.59 2.85 11.49
C LEU A 183 -4.56 2.99 13.00
N VAL A 184 -3.95 2.00 13.64
CA VAL A 184 -3.85 1.97 15.09
C VAL A 184 -2.42 1.69 15.54
N TYR A 185 -1.96 2.45 16.52
CA TYR A 185 -0.64 2.26 17.11
C TYR A 185 -0.89 1.70 18.50
N PRO A 186 -0.74 0.37 18.67
CA PRO A 186 -0.96 -0.24 19.98
C PRO A 186 -0.11 0.37 21.08
N SER A 187 1.12 0.77 20.72
CA SER A 187 2.04 1.36 21.66
C SER A 187 1.52 2.61 22.35
N SER A 188 0.89 3.50 21.58
CA SER A 188 0.37 4.74 22.14
C SER A 188 -1.15 4.75 22.26
N GLY A 189 -1.80 3.81 21.58
CA GLY A 189 -3.25 3.73 21.63
C GLY A 189 -3.91 4.66 20.61
N ALA A 190 -3.10 5.34 19.80
CA ALA A 190 -3.60 6.26 18.80
C ALA A 190 -4.42 5.56 17.72
N ILE A 191 -5.55 6.16 17.36
CA ILE A 191 -6.44 5.61 16.35
C ILE A 191 -6.77 6.67 15.30
N TYR A 192 -6.59 6.33 14.03
CA TYR A 192 -6.88 7.25 12.94
C TYR A 192 -7.84 6.56 11.96
N THR A 193 -8.78 7.31 11.43
CA THR A 193 -9.75 6.75 10.50
C THR A 193 -9.94 7.68 9.29
N ILE A 194 -10.20 7.09 8.14
CA ILE A 194 -10.41 7.85 6.92
C ILE A 194 -11.34 7.02 6.04
N ALA A 195 -12.19 7.69 5.28
CA ALA A 195 -13.12 6.99 4.40
C ALA A 195 -13.51 7.85 3.21
N GLU A 196 -13.85 7.20 2.12
CA GLU A 196 -14.26 7.91 0.93
C GLU A 196 -15.04 6.98 0.03
N ILE A 197 -15.82 7.56 -0.87
CA ILE A 197 -16.61 6.79 -1.83
C ILE A 197 -15.70 6.50 -3.02
N VAL A 198 -15.62 5.23 -3.40
CA VAL A 198 -14.82 4.82 -4.54
C VAL A 198 -15.60 3.77 -5.33
N ASP A 199 -15.87 4.06 -6.60
CA ASP A 199 -16.60 3.12 -7.45
C ASP A 199 -15.52 2.32 -8.19
N VAL A 200 -15.15 1.16 -7.64
CA VAL A 200 -14.09 0.36 -8.23
C VAL A 200 -14.34 -0.12 -9.66
N LYS A 201 -15.60 -0.23 -10.04
CA LYS A 201 -15.95 -0.67 -11.39
C LYS A 201 -15.59 0.42 -12.42
N GLN A 202 -15.48 1.65 -11.95
CA GLN A 202 -15.13 2.78 -12.80
C GLN A 202 -13.62 3.03 -12.79
N VAL A 203 -12.94 2.45 -11.81
CA VAL A 203 -11.49 2.65 -11.66
C VAL A 203 -10.59 1.48 -12.02
N LEU A 204 -10.90 0.30 -11.49
CA LEU A 204 -10.06 -0.86 -11.71
C LEU A 204 -10.52 -1.81 -12.80
N PRO A 205 -9.58 -2.62 -13.32
CA PRO A 205 -9.98 -3.56 -14.36
C PRO A 205 -10.67 -4.70 -13.60
N GLU A 206 -11.28 -5.64 -14.33
CA GLU A 206 -11.99 -6.74 -13.69
C GLU A 206 -11.12 -7.62 -12.81
N TRP A 207 -9.90 -7.86 -13.24
CA TRP A 207 -8.95 -8.67 -12.49
C TRP A 207 -7.79 -7.76 -12.12
N VAL A 208 -7.32 -7.84 -10.88
CA VAL A 208 -6.23 -6.99 -10.44
C VAL A 208 -5.15 -7.73 -9.67
N ASP A 209 -4.00 -7.08 -9.59
CA ASP A 209 -2.88 -7.57 -8.81
C ASP A 209 -3.00 -6.76 -7.53
N VAL A 210 -2.76 -7.39 -6.39
CA VAL A 210 -2.85 -6.68 -5.12
C VAL A 210 -1.45 -6.70 -4.51
N GLY A 211 -1.03 -5.57 -3.96
CA GLY A 211 0.30 -5.54 -3.39
C GLY A 211 0.60 -4.39 -2.45
N LEU A 212 1.85 -4.35 -2.02
CA LEU A 212 2.37 -3.32 -1.13
C LEU A 212 3.62 -2.78 -1.82
N SER A 213 3.86 -1.48 -1.71
CA SER A 213 5.02 -0.87 -2.33
C SER A 213 5.62 0.16 -1.38
N GLY A 214 6.94 0.30 -1.40
CA GLY A 214 7.60 1.26 -0.53
C GLY A 214 8.74 1.94 -1.26
N ALA A 215 9.09 3.15 -0.84
CA ALA A 215 10.17 3.88 -1.49
C ALA A 215 10.85 4.88 -0.57
N THR A 216 12.15 5.04 -0.75
CA THR A 216 12.91 6.03 0.00
C THR A 216 13.25 7.17 -0.97
N GLY A 217 13.70 8.30 -0.42
CA GLY A 217 13.99 9.48 -1.23
C GLY A 217 15.10 9.46 -2.27
N ALA A 218 15.06 10.49 -3.11
CA ALA A 218 16.04 10.66 -4.19
C ALA A 218 17.27 11.47 -3.78
N GLN A 219 17.30 11.92 -2.52
CA GLN A 219 18.45 12.68 -2.02
C GLN A 219 19.18 11.78 -1.02
N ARG A 220 20.50 11.94 -0.92
CA ARG A 220 21.27 11.11 0.02
C ARG A 220 20.73 11.19 1.44
N ASP A 221 20.55 10.03 2.05
CA ASP A 221 20.04 9.90 3.41
C ASP A 221 18.60 10.34 3.65
N ALA A 222 17.86 10.59 2.58
CA ALA A 222 16.46 10.94 2.72
C ALA A 222 15.83 9.54 2.70
N ALA A 223 15.89 8.85 3.84
CA ALA A 223 15.37 7.50 3.90
C ALA A 223 14.81 7.09 5.25
N GLU A 224 14.18 5.91 5.25
CA GLU A 224 13.56 5.33 6.43
C GLU A 224 13.30 3.88 6.07
N THR A 225 12.94 3.07 7.07
CA THR A 225 12.63 1.67 6.79
C THR A 225 11.16 1.56 6.45
N HIS A 226 10.79 0.48 5.77
CA HIS A 226 9.39 0.21 5.42
C HIS A 226 9.25 -1.30 5.60
N ASP A 227 9.11 -1.73 6.85
CA ASP A 227 8.99 -3.14 7.18
C ASP A 227 7.56 -3.58 7.44
N VAL A 228 7.21 -4.73 6.87
CA VAL A 228 5.89 -5.31 7.03
C VAL A 228 6.06 -6.64 7.76
N TYR A 229 5.26 -6.86 8.80
CA TYR A 229 5.35 -8.07 9.62
C TYR A 229 4.30 -9.14 9.35
N SER A 230 3.13 -8.72 8.85
CA SER A 230 2.06 -9.66 8.56
C SER A 230 1.11 -9.02 7.56
N TRP A 231 0.38 -9.84 6.83
CA TRP A 231 -0.53 -9.34 5.81
C TRP A 231 -1.59 -10.38 5.49
N SER A 232 -2.85 -9.95 5.51
CA SER A 232 -3.97 -10.83 5.19
C SER A 232 -4.90 -10.10 4.22
N PHE A 233 -5.60 -10.87 3.40
CA PHE A 233 -6.50 -10.29 2.42
C PHE A 233 -7.63 -11.26 2.10
N GLN A 234 -8.81 -10.71 1.86
CA GLN A 234 -9.97 -11.52 1.49
C GLN A 234 -10.90 -10.71 0.62
N ALA A 235 -11.38 -11.34 -0.44
CA ALA A 235 -12.30 -10.71 -1.37
C ALA A 235 -13.41 -11.70 -1.70
N SER A 236 -14.65 -11.19 -1.73
CA SER A 236 -15.80 -12.02 -2.04
C SER A 236 -16.58 -11.40 -3.18
N LEU A 237 -16.68 -12.11 -4.30
CA LEU A 237 -17.39 -11.62 -5.46
C LEU A 237 -18.65 -12.44 -5.74
N PRO A 238 -19.83 -11.85 -5.54
CA PRO A 238 -21.07 -12.58 -5.80
C PRO A 238 -21.03 -13.03 -7.26
N GLU A 239 -21.22 -14.32 -7.49
CA GLU A 239 -21.17 -14.83 -8.86
C GLU A 239 -22.39 -14.43 -9.70
N THR A 240 -23.52 -14.21 -9.03
CA THR A 240 -24.74 -13.82 -9.72
C THR A 240 -25.47 -12.69 -9.03
N ASN A 241 -26.46 -12.14 -9.72
CA ASN A 241 -27.30 -11.06 -9.21
C ASN A 241 -28.65 -11.26 -9.90
N ASP A 242 -29.60 -11.82 -9.15
CA ASP A 242 -30.92 -12.09 -9.71
C ASP A 242 -31.91 -10.93 -9.60
#